data_4FSP
#
_entry.id   4FSP
#
_cell.length_a   95.892
_cell.length_b   147.810
_cell.length_c   84.513
_cell.angle_alpha   90.00
_cell.angle_beta   90.00
_cell.angle_gamma   90.00
#
_symmetry.space_group_name_H-M   'C 2 2 21'
#
loop_
_entity.id
_entity.type
_entity.pdbx_description
1 polymer 'Probable porin'
2 non-polymer (HYDROXYETHYLOXY)TRI(ETHYLOXY)OCTANE
3 water water
#
_entity_poly.entity_id   1
_entity_poly.type   'polypeptide(L)'
_entity_poly.pdbx_seq_one_letter_code
;HHHHHHHENLYFQGLEEGFLEDSRASLALRNFYMNRDFRDGAGRAKSEEWAQGFLFDYRSGYTEGTLGVGLDLLGKLGVR
LDSGAGRSGTGLLPLRDDGSAAGDYARLDATAKLRLSRSELKVGGLVPKLPTIQPNYGRLFPQVFQGALLTSGELSGLSL
NLGRLTEVSQRNEAGTSDLALFNRNRRFAGAAQADRFDLAGLDYRIAPDWTGSYHYGELEQVYAQHFLGLKGRIGIAADS
LESDLRLALSRDTGGARGGRIDNRSFSGSLTYRLRNGQAFGLGYQRMSGDHGFPYLEGTDPYLVNFGQYNDFAEAGESSW
QLRYDCDFAPLGVPGLSLMTRYFSGHGAKPKGADGSREWERDSDLRYVLQGGALKGLGLVWRNATYRSAFSRDIDENRLY
LTYELPLF
;
_entity_poly.pdbx_strand_id   A
#
loop_
_chem_comp.id
_chem_comp.type
_chem_comp.name
_chem_comp.formula
C8E non-polymer (HYDROXYETHYLOXY)TRI(ETHYLOXY)OCTANE 'C16 H34 O5'
#
# COMPACT_ATOMS: atom_id res chain seq x y z
N LEU A 10 -8.55 -14.77 -17.31
CA LEU A 10 -8.20 -13.48 -17.94
C LEU A 10 -9.16 -13.09 -19.06
N TYR A 11 -9.36 -13.97 -20.04
CA TYR A 11 -10.42 -13.72 -21.02
C TYR A 11 -11.76 -14.13 -20.40
N PHE A 12 -12.78 -13.29 -20.54
CA PHE A 12 -14.09 -13.59 -19.97
C PHE A 12 -15.05 -14.23 -20.98
N GLN A 13 -15.46 -15.46 -20.71
CA GLN A 13 -16.30 -16.19 -21.64
C GLN A 13 -17.82 -16.01 -21.37
N GLY A 14 -18.21 -15.88 -20.11
CA GLY A 14 -19.61 -15.65 -19.79
C GLY A 14 -20.52 -16.73 -20.31
N LEU A 15 -20.01 -17.96 -20.36
CA LEU A 15 -20.76 -19.06 -20.95
C LEU A 15 -21.84 -19.60 -20.00
N GLU A 16 -21.67 -19.39 -18.70
CA GLU A 16 -22.62 -19.88 -17.70
C GLU A 16 -23.16 -18.75 -16.80
N GLU A 17 -24.34 -18.98 -16.22
CA GLU A 17 -24.90 -18.02 -15.28
C GLU A 17 -24.22 -18.24 -13.94
N GLY A 18 -23.26 -17.39 -13.62
CA GLY A 18 -22.38 -17.64 -12.49
C GLY A 18 -22.42 -16.70 -11.29
N PHE A 19 -23.26 -15.67 -11.33
CA PHE A 19 -23.34 -14.69 -10.25
C PHE A 19 -23.52 -15.35 -8.88
N LEU A 20 -24.58 -16.12 -8.73
CA LEU A 20 -24.79 -16.82 -7.48
C LEU A 20 -23.88 -18.04 -7.33
N GLU A 21 -23.77 -18.86 -8.38
CA GLU A 21 -23.04 -20.13 -8.30
C GLU A 21 -21.57 -19.95 -7.92
N ASP A 22 -20.91 -18.93 -8.47
CA ASP A 22 -19.51 -18.71 -8.17
C ASP A 22 -19.29 -17.71 -7.04
N SER A 23 -20.38 -17.34 -6.35
CA SER A 23 -20.24 -16.41 -5.24
C SER A 23 -19.36 -17.03 -4.16
N ARG A 24 -18.52 -16.20 -3.54
CA ARG A 24 -17.82 -16.61 -2.34
C ARG A 24 -17.78 -15.49 -1.29
N ALA A 25 -17.56 -15.87 -0.05
CA ALA A 25 -17.48 -14.88 1.00
C ALA A 25 -16.71 -15.41 2.19
N SER A 26 -16.16 -14.49 2.97
CA SER A 26 -15.44 -14.80 4.18
C SER A 26 -15.66 -13.71 5.20
N LEU A 27 -15.40 -14.07 6.45
CA LEU A 27 -15.46 -13.16 7.56
C LEU A 27 -14.05 -13.05 8.12
N ALA A 28 -13.52 -11.84 8.19
CA ALA A 28 -12.20 -11.64 8.84
C ALA A 28 -12.35 -11.04 10.23
N LEU A 29 -11.63 -11.61 11.20
CA LEU A 29 -11.67 -11.13 12.57
C LEU A 29 -10.32 -10.52 12.89
N ARG A 30 -10.32 -9.29 13.40
CA ARG A 30 -9.06 -8.59 13.61
C ARG A 30 -9.04 -7.81 14.91
N ASN A 31 -8.18 -8.24 15.83
CA ASN A 31 -7.95 -7.49 17.05
C ASN A 31 -6.65 -6.71 16.92
N PHE A 32 -6.73 -5.39 17.08
CA PHE A 32 -5.59 -4.50 16.85
C PHE A 32 -5.31 -3.64 18.09
N TYR A 33 -4.08 -3.69 18.58
CA TYR A 33 -3.65 -2.84 19.69
C TYR A 33 -2.46 -1.98 19.26
N MET A 34 -2.47 -0.72 19.66
CA MET A 34 -1.43 0.20 19.25
C MET A 34 -1.01 1.06 20.43
N ASN A 35 0.30 1.14 20.62
CA ASN A 35 0.90 1.86 21.74
C ASN A 35 1.93 2.87 21.23
N ARG A 36 1.93 4.06 21.79
CA ARG A 36 2.72 5.15 21.23
C ARG A 36 3.30 6.09 22.27
N ASP A 37 4.63 6.23 22.27
CA ASP A 37 5.34 7.03 23.27
C ASP A 37 5.98 8.23 22.56
N PHE A 38 5.61 9.44 22.97
CA PHE A 38 6.14 10.67 22.35
C PHE A 38 7.25 11.30 23.20
N ARG A 39 8.44 11.46 22.60
CA ARG A 39 9.59 12.12 23.23
C ARG A 39 10.04 11.44 24.51
N LYS A 46 2.27 10.10 25.45
CA LYS A 46 1.82 8.70 25.43
C LYS A 46 0.34 8.57 25.04
N SER A 47 0.03 7.58 24.21
CA SER A 47 -1.35 7.31 23.79
C SER A 47 -1.58 5.82 23.57
N GLU A 48 -2.81 5.44 23.23
CA GLU A 48 -3.16 4.03 23.13
C GLU A 48 -4.40 3.84 22.28
N GLU A 49 -4.56 2.65 21.73
CA GLU A 49 -5.71 2.32 20.89
C GLU A 49 -5.94 0.82 20.82
N TRP A 50 -7.17 0.39 21.09
CA TRP A 50 -7.50 -1.03 21.08
C TRP A 50 -8.89 -1.20 20.48
N ALA A 51 -9.04 -2.18 19.59
CA ALA A 51 -10.25 -2.30 18.80
C ALA A 51 -10.42 -3.67 18.17
N GLN A 52 -11.67 -4.08 18.02
CA GLN A 52 -12.02 -5.33 17.36
C GLN A 52 -12.73 -5.02 16.05
N GLY A 53 -12.27 -5.64 14.98
CA GLY A 53 -12.91 -5.45 13.70
C GLY A 53 -13.49 -6.74 13.16
N PHE A 54 -14.61 -6.59 12.47
CA PHE A 54 -15.22 -7.71 11.77
C PHE A 54 -15.37 -7.27 10.34
N LEU A 55 -15.00 -8.15 9.41
CA LEU A 55 -15.01 -7.81 8.01
C LEU A 55 -15.68 -8.88 7.19
N PHE A 56 -16.84 -8.56 6.65
CA PHE A 56 -17.55 -9.45 5.73
C PHE A 56 -17.16 -9.11 4.29
N ASP A 57 -16.50 -10.06 3.63
CA ASP A 57 -16.00 -9.81 2.27
C ASP A 57 -16.68 -10.76 1.30
N TYR A 58 -17.60 -10.22 0.50
CA TYR A 58 -18.38 -10.99 -0.45
C TYR A 58 -18.00 -10.66 -1.89
N ARG A 59 -17.84 -11.69 -2.71
CA ARG A 59 -17.51 -11.53 -4.13
C ARG A 59 -18.43 -12.42 -4.96
N SER A 60 -19.30 -11.81 -5.76
CA SER A 60 -20.20 -12.59 -6.61
C SER A 60 -19.41 -13.16 -7.78
N GLY A 61 -19.99 -14.12 -8.48
CA GLY A 61 -19.51 -14.49 -9.79
C GLY A 61 -20.08 -13.52 -10.83
N TYR A 62 -20.19 -13.95 -12.08
CA TYR A 62 -20.67 -13.07 -13.16
C TYR A 62 -21.89 -13.64 -13.83
N THR A 63 -22.83 -12.75 -14.18
CA THR A 63 -24.00 -13.14 -14.95
C THR A 63 -23.56 -13.64 -16.33
N GLU A 64 -24.44 -14.39 -16.99
CA GLU A 64 -24.14 -14.99 -18.29
C GLU A 64 -24.11 -13.97 -19.42
N GLY A 65 -23.32 -14.25 -20.45
CA GLY A 65 -23.26 -13.37 -21.60
C GLY A 65 -21.83 -12.87 -21.81
N THR A 66 -21.57 -12.28 -22.97
CA THR A 66 -20.22 -11.82 -23.29
C THR A 66 -19.86 -10.62 -22.43
N LEU A 67 -20.85 -9.82 -22.05
CA LEU A 67 -20.66 -8.80 -21.02
C LEU A 67 -21.25 -9.30 -19.69
N GLY A 68 -20.38 -9.60 -18.74
CA GLY A 68 -20.82 -10.15 -17.47
C GLY A 68 -20.89 -9.10 -16.39
N VAL A 69 -21.89 -9.22 -15.52
CA VAL A 69 -22.10 -8.26 -14.44
C VAL A 69 -21.91 -8.95 -13.08
N GLY A 70 -21.26 -8.24 -12.16
CA GLY A 70 -21.06 -8.79 -10.82
C GLY A 70 -21.16 -7.76 -9.71
N LEU A 71 -21.08 -8.24 -8.48
CA LEU A 71 -21.19 -7.39 -7.30
C LEU A 71 -20.26 -7.85 -6.18
N ASP A 72 -19.42 -6.94 -5.69
CA ASP A 72 -18.65 -7.18 -4.46
C ASP A 72 -19.25 -6.36 -3.34
N LEU A 73 -19.14 -6.89 -2.13
CA LEU A 73 -19.65 -6.22 -0.95
C LEU A 73 -18.63 -6.30 0.17
N LEU A 74 -18.38 -5.16 0.81
CA LEU A 74 -17.54 -5.12 1.99
C LEU A 74 -18.34 -4.64 3.19
N GLY A 75 -18.57 -5.53 4.15
CA GLY A 75 -19.23 -5.16 5.38
C GLY A 75 -18.21 -5.06 6.49
N LYS A 76 -18.13 -3.89 7.12
CA LYS A 76 -17.16 -3.67 8.17
C LYS A 76 -17.84 -3.24 9.48
N LEU A 77 -17.46 -3.89 10.56
CA LEU A 77 -17.86 -3.45 11.90
C LEU A 77 -16.62 -3.23 12.77
N GLY A 78 -16.55 -2.06 13.40
CA GLY A 78 -15.44 -1.74 14.29
C GLY A 78 -15.91 -1.26 15.65
N VAL A 79 -15.33 -1.82 16.71
CA VAL A 79 -15.70 -1.46 18.07
C VAL A 79 -14.47 -1.14 18.90
N ARG A 80 -14.43 0.05 19.50
CA ARG A 80 -13.29 0.46 20.32
C ARG A 80 -13.18 -0.41 21.56
N LEU A 81 -11.94 -0.74 21.93
CA LEU A 81 -11.64 -1.66 23.03
C LEU A 81 -12.33 -3.02 22.86
N ASP A 104 -18.63 2.45 18.05
CA ASP A 104 -19.23 1.52 17.10
C ASP A 104 -19.10 2.06 15.68
N TYR A 105 -18.25 1.41 14.89
CA TYR A 105 -18.01 1.78 13.50
C TYR A 105 -18.65 0.76 12.57
N ALA A 106 -19.48 1.23 11.64
CA ALA A 106 -20.22 0.30 10.77
C ALA A 106 -20.31 0.82 9.35
N ARG A 107 -19.96 -0.03 8.40
CA ARG A 107 -19.95 0.42 7.04
C ARG A 107 -20.19 -0.68 6.00
N LEU A 108 -20.90 -0.32 4.93
CA LEU A 108 -21.16 -1.25 3.85
C LEU A 108 -20.70 -0.63 2.54
N ASP A 109 -19.75 -1.27 1.86
CA ASP A 109 -19.31 -0.77 0.55
C ASP A 109 -19.60 -1.73 -0.58
N ALA A 110 -20.33 -1.24 -1.58
CA ALA A 110 -20.72 -2.03 -2.73
C ALA A 110 -19.87 -1.67 -3.93
N THR A 111 -19.62 -2.66 -4.77
CA THR A 111 -18.88 -2.43 -6.01
C THR A 111 -19.54 -3.22 -7.13
N ALA A 112 -20.03 -2.51 -8.15
CA ALA A 112 -20.46 -3.17 -9.36
C ALA A 112 -19.22 -3.53 -10.19
N LYS A 113 -19.25 -4.71 -10.80
CA LYS A 113 -18.16 -5.09 -11.67
C LYS A 113 -18.68 -5.58 -13.02
N LEU A 114 -18.09 -5.04 -14.09
CA LEU A 114 -18.41 -5.45 -15.45
C LEU A 114 -17.18 -6.07 -16.10
N ARG A 115 -17.42 -7.12 -16.85
CA ARG A 115 -16.38 -7.95 -17.40
C ARG A 115 -16.70 -8.21 -18.88
N LEU A 116 -15.73 -7.89 -19.74
CA LEU A 116 -15.87 -8.04 -21.20
C LEU A 116 -14.49 -8.31 -21.77
N SER A 117 -14.39 -9.35 -22.61
CA SER A 117 -13.11 -9.78 -23.16
C SER A 117 -12.04 -9.88 -22.06
N ARG A 118 -10.94 -9.16 -22.21
CA ARG A 118 -9.89 -9.21 -21.18
C ARG A 118 -9.85 -7.93 -20.37
N SER A 119 -11.00 -7.29 -20.24
CA SER A 119 -11.08 -6.01 -19.56
C SER A 119 -12.10 -6.11 -18.45
N GLU A 120 -11.96 -5.23 -17.45
CA GLU A 120 -12.88 -5.21 -16.31
C GLU A 120 -13.09 -3.77 -15.85
N LEU A 121 -14.35 -3.44 -15.56
CA LEU A 121 -14.70 -2.12 -15.04
C LEU A 121 -15.32 -2.31 -13.66
N LYS A 122 -14.77 -1.64 -12.66
CA LYS A 122 -15.36 -1.62 -11.33
C LYS A 122 -15.91 -0.23 -11.02
N VAL A 123 -17.11 -0.18 -10.45
CA VAL A 123 -17.71 1.10 -10.07
C VAL A 123 -18.29 1.03 -8.67
N GLY A 124 -17.87 1.96 -7.83
CA GLY A 124 -18.33 1.99 -6.44
C GLY A 124 -17.13 2.02 -5.50
N GLY A 125 -17.15 1.16 -4.48
CA GLY A 125 -16.06 1.09 -3.52
C GLY A 125 -14.83 0.48 -4.16
N LEU A 126 -13.68 1.12 -3.94
CA LEU A 126 -12.45 0.68 -4.57
C LEU A 126 -11.30 0.70 -3.55
N VAL A 127 -10.42 -0.29 -3.64
CA VAL A 127 -9.22 -0.27 -2.82
C VAL A 127 -8.03 -0.37 -3.79
N PRO A 128 -7.67 0.76 -4.41
CA PRO A 128 -6.64 0.69 -5.45
C PRO A 128 -5.26 0.32 -4.89
N LYS A 129 -4.52 -0.49 -5.64
CA LYS A 129 -3.13 -0.78 -5.31
C LYS A 129 -2.22 -0.32 -6.45
N LEU A 130 -1.93 0.98 -6.48
CA LEU A 130 -1.15 1.55 -7.58
C LEU A 130 0.00 2.43 -7.07
N PRO A 131 1.03 2.64 -7.91
CA PRO A 131 2.18 3.43 -7.47
C PRO A 131 1.78 4.83 -6.98
N THR A 132 0.61 5.29 -7.42
CA THR A 132 0.13 6.62 -7.06
C THR A 132 -0.90 6.57 -5.95
N ILE A 133 -1.32 5.37 -5.60
CA ILE A 133 -2.29 5.20 -4.52
C ILE A 133 -2.30 3.76 -4.00
N GLN A 134 -1.75 3.58 -2.80
CA GLN A 134 -1.59 2.30 -2.12
C GLN A 134 -2.31 2.32 -0.78
N PRO A 135 -3.03 1.22 -0.43
CA PRO A 135 -3.77 1.20 0.85
C PRO A 135 -2.85 1.34 2.06
N ASN A 136 -3.39 1.85 3.15
CA ASN A 136 -2.70 1.78 4.44
C ASN A 136 -3.10 0.45 5.10
N TYR A 137 -2.13 -0.43 5.34
CA TYR A 137 -2.45 -1.77 5.81
C TYR A 137 -2.31 -1.95 7.32
N GLY A 138 -1.55 -1.08 7.97
CA GLY A 138 -1.27 -1.23 9.39
C GLY A 138 -2.42 -0.90 10.32
N ARG A 139 -3.59 -0.62 9.77
CA ARG A 139 -4.74 -0.25 10.57
C ARG A 139 -5.71 -1.41 10.81
N LEU A 140 -6.92 -1.10 11.30
CA LEU A 140 -7.97 -2.10 11.39
C LEU A 140 -8.46 -2.42 9.99
N PHE A 141 -8.75 -1.38 9.22
CA PHE A 141 -9.28 -1.52 7.86
C PHE A 141 -8.64 -0.51 6.93
N PRO A 142 -8.37 -0.92 5.67
CA PRO A 142 -7.85 0.04 4.69
C PRO A 142 -8.97 0.97 4.23
N GLN A 143 -8.65 2.21 3.85
CA GLN A 143 -9.66 3.14 3.37
C GLN A 143 -10.33 2.63 2.09
N VAL A 144 -11.63 2.90 1.95
CA VAL A 144 -12.32 2.62 0.69
C VAL A 144 -12.58 3.90 -0.07
N PHE A 145 -12.17 3.94 -1.34
CA PHE A 145 -12.37 5.09 -2.21
C PHE A 145 -13.57 4.84 -3.11
N GLN A 146 -14.30 5.89 -3.45
CA GLN A 146 -15.41 5.76 -4.40
C GLN A 146 -14.95 6.24 -5.76
N GLY A 147 -15.34 5.52 -6.80
CA GLY A 147 -15.11 5.96 -8.15
C GLY A 147 -15.28 4.83 -9.14
N ALA A 148 -14.51 4.86 -10.22
CA ALA A 148 -14.59 3.87 -11.26
C ALA A 148 -13.18 3.56 -11.70
N LEU A 149 -12.89 2.27 -11.89
CA LEU A 149 -11.55 1.87 -12.31
C LEU A 149 -11.64 0.83 -13.41
N LEU A 150 -10.97 1.10 -14.52
CA LEU A 150 -10.98 0.19 -15.65
C LEU A 150 -9.60 -0.41 -15.79
N THR A 151 -9.55 -1.73 -15.89
CA THR A 151 -8.29 -2.43 -16.14
C THR A 151 -8.49 -3.21 -17.44
N SER A 152 -7.42 -3.41 -18.18
CA SER A 152 -7.55 -4.01 -19.49
C SER A 152 -6.26 -4.69 -19.89
N GLY A 153 -6.37 -5.95 -20.27
CA GLY A 153 -5.22 -6.72 -20.73
C GLY A 153 -5.50 -7.31 -22.12
N GLU A 154 -6.10 -6.51 -23.01
CA GLU A 154 -6.40 -6.97 -24.36
C GLU A 154 -5.11 -7.32 -25.10
N LEU A 155 -4.02 -6.63 -24.77
CA LEU A 155 -2.74 -6.94 -25.42
C LEU A 155 -1.87 -7.80 -24.52
N SER A 156 -1.40 -8.93 -25.06
CA SER A 156 -0.57 -9.87 -24.32
C SER A 156 0.66 -9.18 -23.68
N GLY A 157 0.90 -9.45 -22.40
CA GLY A 157 2.01 -8.86 -21.68
C GLY A 157 1.83 -7.41 -21.26
N LEU A 158 0.68 -6.84 -21.61
CA LEU A 158 0.40 -5.42 -21.35
C LEU A 158 -0.87 -5.27 -20.51
N SER A 159 -0.76 -4.58 -19.37
CA SER A 159 -1.94 -4.20 -18.62
C SER A 159 -2.08 -2.70 -18.71
N LEU A 160 -3.32 -2.25 -18.88
CA LEU A 160 -3.66 -0.85 -18.90
C LEU A 160 -4.69 -0.60 -17.82
N ASN A 161 -4.60 0.55 -17.19
CA ASN A 161 -5.66 0.95 -16.29
C ASN A 161 -5.94 2.43 -16.44
N LEU A 162 -7.16 2.79 -16.06
CA LEU A 162 -7.66 4.15 -16.14
C LEU A 162 -8.69 4.28 -15.02
N GLY A 163 -8.68 5.38 -14.29
CA GLY A 163 -9.61 5.50 -13.18
C GLY A 163 -9.92 6.92 -12.74
N ARG A 164 -11.01 7.07 -12.00
CA ARG A 164 -11.33 8.36 -11.39
C ARG A 164 -12.00 8.13 -10.04
N LEU A 165 -11.46 8.76 -9.00
CA LEU A 165 -11.98 8.62 -7.65
C LEU A 165 -12.58 9.94 -7.21
N THR A 166 -13.60 9.88 -6.36
CA THR A 166 -14.32 11.09 -5.96
C THR A 166 -14.51 11.27 -4.46
N GLU A 167 -14.21 10.22 -3.67
CA GLU A 167 -14.47 10.23 -2.22
C GLU A 167 -13.59 9.24 -1.46
N VAL A 168 -13.35 9.52 -0.19
CA VAL A 168 -12.68 8.58 0.73
C VAL A 168 -13.57 8.28 1.94
N SER A 169 -13.42 7.09 2.50
CA SER A 169 -14.20 6.69 3.68
C SER A 169 -13.80 7.49 4.92
N SER A 177 -15.59 12.17 3.14
CA SER A 177 -15.24 13.48 2.58
C SER A 177 -14.20 13.38 1.46
N ASP A 178 -13.81 14.52 0.91
CA ASP A 178 -12.94 14.57 -0.26
C ASP A 178 -11.60 13.90 -0.06
N LEU A 179 -10.94 13.64 -1.19
CA LEU A 179 -9.56 13.19 -1.23
C LEU A 179 -8.67 14.38 -0.89
N ALA A 180 -7.61 14.14 -0.15
CA ALA A 180 -6.79 15.24 0.34
C ALA A 180 -5.29 14.92 0.29
N LEU A 181 -4.49 15.94 0.02
CA LEU A 181 -3.05 15.81 0.04
C LEU A 181 -2.58 15.59 1.47
N PHE A 182 -1.85 14.51 1.72
CA PHE A 182 -1.35 14.29 3.07
C PHE A 182 -0.18 15.22 3.40
N ASN A 183 -0.40 16.22 4.25
CA ASN A 183 0.66 17.17 4.59
C ASN A 183 1.85 16.48 5.26
N ARG A 184 1.73 16.20 6.55
CA ARG A 184 2.83 15.58 7.34
C ARG A 184 4.04 16.51 7.44
N ASN A 185 4.37 16.92 8.66
CA ASN A 185 5.50 17.81 8.91
C ASN A 185 5.45 19.11 8.07
N ARG A 186 4.23 19.55 7.74
CA ARG A 186 4.03 20.78 6.96
C ARG A 186 4.82 20.85 5.64
N ARG A 187 5.04 19.71 4.99
CA ARG A 187 5.82 19.65 3.75
C ARG A 187 5.28 20.57 2.64
N PHE A 188 3.97 20.78 2.67
CA PHE A 188 3.30 21.60 1.68
C PHE A 188 2.61 22.76 2.39
N ALA A 189 1.93 23.62 1.62
CA ALA A 189 1.27 24.79 2.22
C ALA A 189 0.11 24.43 3.15
N GLY A 190 -0.68 23.44 2.74
CA GLY A 190 -1.77 22.95 3.56
C GLY A 190 -2.23 21.61 3.02
N ALA A 191 -3.21 20.96 3.65
CA ALA A 191 -3.70 19.68 3.13
C ALA A 191 -4.83 19.88 2.14
N ALA A 192 -4.48 20.38 0.96
CA ALA A 192 -5.43 20.66 -0.11
C ALA A 192 -6.38 19.49 -0.39
N GLN A 193 -7.63 19.82 -0.74
CA GLN A 193 -8.64 18.81 -1.06
C GLN A 193 -9.15 18.98 -2.48
N ALA A 194 -9.65 17.89 -3.07
CA ALA A 194 -10.28 17.97 -4.39
C ALA A 194 -11.45 17.01 -4.55
N ASP A 195 -12.23 17.22 -5.60
CA ASP A 195 -13.39 16.39 -5.89
C ASP A 195 -13.00 15.16 -6.69
N ARG A 196 -11.86 15.23 -7.37
CA ARG A 196 -11.49 14.21 -8.34
C ARG A 196 -10.02 13.85 -8.26
N PHE A 197 -9.75 12.55 -8.31
CA PHE A 197 -8.40 12.07 -8.49
C PHE A 197 -8.38 11.20 -9.74
N ASP A 198 -7.58 11.57 -10.73
CA ASP A 198 -7.53 10.82 -11.97
C ASP A 198 -6.35 9.91 -11.98
N LEU A 199 -6.49 8.76 -12.64
CA LEU A 199 -5.36 7.87 -12.77
C LEU A 199 -5.35 7.13 -14.10
N ALA A 200 -4.15 6.80 -14.57
CA ALA A 200 -3.98 6.04 -15.79
C ALA A 200 -2.63 5.35 -15.70
N GLY A 201 -2.55 4.14 -16.23
CA GLY A 201 -1.28 3.47 -16.18
C GLY A 201 -1.13 2.33 -17.16
N LEU A 202 0.07 1.78 -17.13
CA LEU A 202 0.50 0.75 -18.04
C LEU A 202 1.56 -0.08 -17.32
N ASP A 203 1.45 -1.40 -17.40
CA ASP A 203 2.43 -2.29 -16.81
C ASP A 203 2.77 -3.30 -17.88
N TYR A 204 4.06 -3.50 -18.15
CA TYR A 204 4.48 -4.24 -19.32
C TYR A 204 5.48 -5.33 -18.96
N ARG A 205 5.18 -6.56 -19.35
CA ARG A 205 6.08 -7.68 -19.14
C ARG A 205 7.15 -7.60 -20.22
N ILE A 206 8.35 -7.15 -19.86
CA ILE A 206 9.41 -7.01 -20.84
C ILE A 206 10.00 -8.37 -21.15
N ALA A 207 10.09 -9.20 -20.12
CA ALA A 207 10.64 -10.53 -20.22
C ALA A 207 10.15 -11.20 -18.96
N PRO A 208 10.26 -12.54 -18.88
CA PRO A 208 9.59 -13.21 -17.76
C PRO A 208 10.02 -12.71 -16.37
N ASP A 209 11.27 -12.28 -16.21
CA ASP A 209 11.71 -11.75 -14.92
C ASP A 209 11.75 -10.21 -14.86
N TRP A 210 11.24 -9.53 -15.89
CA TRP A 210 11.33 -8.07 -15.95
C TRP A 210 10.02 -7.39 -16.29
N THR A 211 9.68 -6.38 -15.50
CA THR A 211 8.46 -5.62 -15.73
C THR A 211 8.75 -4.12 -15.61
N GLY A 212 8.21 -3.35 -16.55
CA GLY A 212 8.30 -1.91 -16.49
C GLY A 212 6.93 -1.31 -16.36
N SER A 213 6.81 -0.23 -15.59
CA SER A 213 5.52 0.41 -15.37
C SER A 213 5.58 1.92 -15.50
N TYR A 214 4.52 2.50 -16.06
CA TYR A 214 4.29 3.94 -16.03
C TYR A 214 2.92 4.21 -15.42
N HIS A 215 2.84 5.16 -14.51
CA HIS A 215 1.54 5.55 -13.94
C HIS A 215 1.44 7.04 -13.75
N TYR A 216 0.25 7.56 -13.99
CA TYR A 216 -0.04 8.98 -13.83
C TYR A 216 -1.16 9.14 -12.80
N GLY A 217 -0.99 10.08 -11.89
CA GLY A 217 -2.02 10.35 -10.91
C GLY A 217 -2.17 11.83 -10.74
N GLU A 218 -3.40 12.29 -10.52
CA GLU A 218 -3.65 13.71 -10.38
C GLU A 218 -4.76 13.96 -9.38
N LEU A 219 -4.42 14.61 -8.27
CA LEU A 219 -5.46 15.13 -7.38
C LEU A 219 -5.78 16.50 -7.91
N GLU A 220 -6.94 16.64 -8.53
CA GLU A 220 -7.25 17.83 -9.32
C GLU A 220 -7.11 19.14 -8.55
N GLN A 221 -6.57 20.15 -9.21
CA GLN A 221 -6.32 21.44 -8.59
C GLN A 221 -5.28 21.37 -7.45
N VAL A 222 -4.59 20.24 -7.32
CA VAL A 222 -3.53 20.13 -6.30
C VAL A 222 -2.16 19.69 -6.85
N TYR A 223 -2.04 18.43 -7.28
CA TYR A 223 -0.79 17.97 -7.87
C TYR A 223 -1.02 16.85 -8.87
N ALA A 224 -0.05 16.68 -9.77
CA ALA A 224 0.00 15.53 -10.67
C ALA A 224 1.33 14.86 -10.41
N GLN A 225 1.34 13.53 -10.46
CA GLN A 225 2.58 12.79 -10.26
C GLN A 225 2.79 11.78 -11.38
N HIS A 226 3.99 11.78 -11.95
CA HIS A 226 4.36 10.78 -12.95
C HIS A 226 5.23 9.74 -12.27
N PHE A 227 4.96 8.47 -12.53
CA PHE A 227 5.75 7.38 -11.97
C PHE A 227 6.32 6.51 -13.06
N LEU A 228 7.57 6.09 -12.90
CA LEU A 228 8.19 5.13 -13.82
C LEU A 228 8.96 4.13 -13.00
N GLY A 229 8.75 2.85 -13.25
CA GLY A 229 9.36 1.83 -12.43
C GLY A 229 9.81 0.60 -13.20
N LEU A 230 10.78 -0.11 -12.63
CA LEU A 230 11.32 -1.30 -13.26
C LEU A 230 11.57 -2.33 -12.17
N LYS A 231 11.05 -3.54 -12.34
CA LYS A 231 11.36 -4.63 -11.42
C LYS A 231 11.99 -5.80 -12.16
N GLY A 232 13.06 -6.36 -11.60
CA GLY A 232 13.74 -7.49 -12.23
C GLY A 232 14.24 -8.52 -11.24
N ARG A 233 14.39 -9.77 -11.71
CA ARG A 233 14.96 -10.86 -10.92
C ARG A 233 15.98 -11.62 -11.75
N ILE A 234 17.14 -11.93 -11.17
CA ILE A 234 18.06 -12.86 -11.82
C ILE A 234 18.35 -14.01 -10.86
N GLY A 235 18.68 -15.18 -11.38
CA GLY A 235 18.94 -16.34 -10.54
C GLY A 235 20.40 -16.40 -10.14
N ILE A 236 20.70 -16.81 -8.91
CA ILE A 236 22.08 -17.04 -8.48
C ILE A 236 22.24 -18.12 -7.39
N ALA A 237 22.12 -19.39 -7.74
CA ALA A 237 21.48 -19.88 -8.95
C ALA A 237 20.25 -20.63 -8.47
N ALA A 238 20.34 -21.15 -7.24
CA ALA A 238 19.18 -21.66 -6.52
C ALA A 238 18.51 -20.53 -5.74
N ASP A 239 19.25 -19.43 -5.59
CA ASP A 239 18.74 -18.21 -4.96
C ASP A 239 18.45 -17.14 -6.00
N SER A 240 18.12 -15.94 -5.56
CA SER A 240 17.78 -14.87 -6.50
C SER A 240 18.07 -13.47 -5.98
N LEU A 241 18.30 -12.58 -6.94
CA LEU A 241 18.56 -11.17 -6.68
C LEU A 241 17.43 -10.40 -7.34
N GLU A 242 16.75 -9.56 -6.57
CA GLU A 242 15.63 -8.78 -7.07
C GLU A 242 15.95 -7.31 -6.99
N SER A 243 15.43 -6.54 -7.92
CA SER A 243 15.67 -5.11 -7.94
C SER A 243 14.35 -4.43 -8.19
N ASP A 244 14.20 -3.21 -7.66
CA ASP A 244 12.93 -2.52 -7.72
C ASP A 244 13.35 -1.07 -7.80
N LEU A 245 13.10 -0.42 -8.93
CA LEU A 245 13.58 0.94 -9.12
C LEU A 245 12.41 1.85 -9.44
N ARG A 246 12.37 3.01 -8.81
CA ARG A 246 11.20 3.87 -8.89
C ARG A 246 11.60 5.32 -9.02
N LEU A 247 11.16 5.96 -10.09
CA LEU A 247 11.34 7.40 -10.27
C LEU A 247 9.97 8.04 -10.30
N ALA A 248 9.80 9.14 -9.59
CA ALA A 248 8.53 9.86 -9.67
C ALA A 248 8.76 11.36 -9.76
N LEU A 249 7.89 12.05 -10.50
CA LEU A 249 7.98 13.49 -10.68
C LEU A 249 6.64 14.11 -10.33
N SER A 250 6.64 15.05 -9.39
CA SER A 250 5.38 15.62 -8.92
C SER A 250 5.45 17.13 -8.98
N ARG A 251 4.36 17.74 -9.46
CA ARG A 251 4.30 19.18 -9.60
C ARG A 251 2.88 19.60 -9.27
N ASP A 252 2.70 20.82 -8.78
CA ASP A 252 1.35 21.31 -8.50
C ASP A 252 0.63 21.46 -9.83
N THR A 253 -0.69 21.50 -9.80
CA THR A 253 -1.44 21.64 -11.05
C THR A 253 -2.69 22.46 -10.81
N GLY A 254 -3.14 23.15 -11.86
CA GLY A 254 -4.32 24.01 -11.78
C GLY A 254 -4.20 25.08 -10.70
N GLY A 255 -5.24 25.21 -9.89
CA GLY A 255 -5.27 26.19 -8.81
C GLY A 255 -4.24 26.01 -7.71
N ALA A 256 -3.53 24.88 -7.72
CA ALA A 256 -2.43 24.63 -6.78
C ALA A 256 -2.83 24.89 -5.34
N ARG A 257 -3.88 24.24 -4.88
CA ARG A 257 -4.37 24.49 -3.53
C ARG A 257 -3.39 24.01 -2.46
N GLY A 258 -2.28 23.40 -2.90
CA GLY A 258 -1.33 22.77 -2.00
C GLY A 258 -0.10 23.44 -1.38
N GLY A 259 0.49 24.50 -1.94
CA GLY A 259 0.25 25.05 -3.25
C GLY A 259 1.34 24.65 -4.24
N ARG A 260 2.36 25.46 -4.39
CA ARG A 260 3.41 25.15 -5.36
C ARG A 260 4.21 23.94 -4.90
N ILE A 261 4.37 22.97 -5.81
CA ILE A 261 5.07 21.74 -5.46
C ILE A 261 6.03 21.31 -6.56
N ASP A 262 7.23 20.92 -6.17
CA ASP A 262 8.20 20.35 -7.10
C ASP A 262 8.96 19.23 -6.37
N ASN A 263 8.60 17.98 -6.67
CA ASN A 263 9.28 16.86 -6.06
C ASN A 263 9.72 15.87 -7.11
N ARG A 264 11.01 15.52 -7.04
CA ARG A 264 11.58 14.46 -7.86
C ARG A 264 12.12 13.44 -6.91
N SER A 265 11.61 12.24 -7.04
CA SER A 265 11.84 11.19 -6.08
C SER A 265 12.56 10.03 -6.73
N PHE A 266 13.57 9.51 -6.05
CA PHE A 266 14.09 8.19 -6.43
C PHE A 266 13.97 7.30 -5.20
N SER A 267 13.66 6.04 -5.43
CA SER A 267 13.46 5.08 -4.37
C SER A 267 13.67 3.72 -4.99
N GLY A 268 14.61 2.96 -4.48
CA GLY A 268 14.94 1.68 -5.07
C GLY A 268 15.49 0.67 -4.09
N SER A 269 15.40 -0.61 -4.44
CA SER A 269 15.87 -1.68 -3.57
C SER A 269 16.53 -2.79 -4.33
N LEU A 270 17.38 -3.50 -3.60
CA LEU A 270 18.08 -4.67 -4.08
C LEU A 270 17.90 -5.72 -3.00
N THR A 271 17.30 -6.85 -3.35
CA THR A 271 17.09 -7.91 -2.35
C THR A 271 17.73 -9.24 -2.74
N TYR A 272 18.59 -9.74 -1.85
CA TYR A 272 19.19 -11.06 -2.05
C TYR A 272 18.40 -12.09 -1.25
N ARG A 273 17.65 -12.93 -1.95
CA ARG A 273 16.73 -13.88 -1.33
C ARG A 273 17.22 -15.33 -1.44
N LEU A 274 17.52 -15.95 -0.29
CA LEU A 274 18.06 -17.31 -0.25
C LEU A 274 16.96 -18.38 -0.21
N ARG A 275 17.27 -19.56 -0.73
CA ARG A 275 16.28 -20.64 -0.76
C ARG A 275 15.94 -21.16 0.62
N ASN A 276 16.77 -20.87 1.63
CA ASN A 276 16.49 -21.35 2.99
C ASN A 276 15.62 -20.42 3.83
N GLY A 277 14.95 -19.47 3.20
CA GLY A 277 14.00 -18.62 3.91
C GLY A 277 14.55 -17.27 4.35
N GLN A 278 15.81 -16.99 4.06
CA GLN A 278 16.39 -15.71 4.45
C GLN A 278 16.37 -14.70 3.31
N ALA A 279 16.34 -13.42 3.66
CA ALA A 279 16.44 -12.35 2.68
C ALA A 279 17.23 -11.17 3.22
N PHE A 280 18.11 -10.62 2.38
CA PHE A 280 18.87 -9.45 2.77
C PHE A 280 18.59 -8.33 1.76
N GLY A 281 18.26 -7.16 2.27
CA GLY A 281 17.81 -6.09 1.41
C GLY A 281 18.53 -4.79 1.70
N LEU A 282 18.71 -4.03 0.62
CA LEU A 282 19.38 -2.76 0.66
C LEU A 282 18.43 -1.85 -0.08
N GLY A 283 18.11 -0.72 0.54
CA GLY A 283 17.21 0.24 -0.08
C GLY A 283 17.87 1.60 -0.08
N TYR A 284 17.55 2.40 -1.10
CA TYR A 284 18.09 3.76 -1.16
C TYR A 284 17.04 4.69 -1.71
N GLN A 285 17.04 5.92 -1.21
CA GLN A 285 15.95 6.84 -1.52
C GLN A 285 16.43 8.27 -1.45
N ARG A 286 15.91 9.10 -2.35
CA ARG A 286 16.37 10.47 -2.45
C ARG A 286 15.25 11.37 -2.89
N MET A 287 15.07 12.49 -2.19
CA MET A 287 14.08 13.48 -2.59
C MET A 287 14.80 14.69 -3.18
N SER A 288 14.42 15.11 -4.38
CA SER A 288 15.03 16.31 -4.95
C SER A 288 13.98 17.30 -5.40
N GLY A 289 14.38 18.57 -5.52
CA GLY A 289 13.43 19.65 -5.81
C GLY A 289 13.10 20.38 -4.51
N ASP A 290 12.19 21.34 -4.58
CA ASP A 290 11.89 22.14 -3.40
C ASP A 290 10.98 21.45 -2.37
N HIS A 291 10.35 20.33 -2.74
CA HIS A 291 9.40 19.68 -1.82
C HIS A 291 9.59 18.20 -1.59
N GLY A 292 8.89 17.70 -0.56
CA GLY A 292 8.86 16.27 -0.28
C GLY A 292 7.89 15.55 -1.17
N PHE A 293 7.70 14.26 -0.90
CA PHE A 293 6.94 13.37 -1.76
C PHE A 293 5.45 13.40 -1.41
N PRO A 294 4.62 13.81 -2.38
CA PRO A 294 3.19 13.91 -2.09
C PRO A 294 2.47 12.59 -2.34
N TYR A 295 1.43 12.38 -1.55
CA TYR A 295 0.52 11.23 -1.68
C TYR A 295 -0.76 11.52 -0.90
N LEU A 296 -1.80 10.73 -1.11
CA LEU A 296 -3.12 11.07 -0.54
C LEU A 296 -3.24 10.66 0.93
N GLU A 297 -4.00 11.43 1.69
CA GLU A 297 -4.46 10.99 3.01
C GLU A 297 -5.12 9.62 2.89
N GLY A 298 -4.87 8.75 3.87
CA GLY A 298 -5.45 7.43 3.88
C GLY A 298 -4.63 6.36 3.15
N THR A 299 -3.52 6.77 2.55
CA THR A 299 -2.69 5.86 1.76
C THR A 299 -1.29 5.75 2.35
N ASP A 300 -0.59 4.66 2.06
CA ASP A 300 0.86 4.61 2.26
C ASP A 300 1.54 5.09 0.98
N PRO A 301 2.67 5.81 1.12
CA PRO A 301 3.42 6.26 -0.06
C PRO A 301 4.12 5.08 -0.71
N TYR A 302 4.11 5.00 -2.05
CA TYR A 302 4.81 3.92 -2.74
C TYR A 302 6.32 4.15 -2.76
N LEU A 303 6.96 4.07 -1.59
CA LEU A 303 8.40 4.31 -1.49
C LEU A 303 9.07 3.11 -0.83
N VAL A 304 10.30 2.76 -1.23
CA VAL A 304 10.92 1.61 -0.55
C VAL A 304 11.40 1.93 0.86
N ASN A 305 11.88 3.13 1.09
CA ASN A 305 12.31 3.51 2.44
C ASN A 305 11.14 4.07 3.24
N PHE A 306 10.11 3.24 3.41
CA PHE A 306 8.93 3.62 4.17
C PHE A 306 8.83 2.63 5.29
N GLY A 307 8.91 3.12 6.52
CA GLY A 307 8.89 2.21 7.66
C GLY A 307 7.53 2.13 8.33
N GLN A 308 7.53 1.64 9.56
CA GLN A 308 6.31 1.53 10.35
C GLN A 308 5.81 2.93 10.70
N TYR A 309 6.73 3.89 10.82
CA TYR A 309 6.32 5.24 11.19
C TYR A 309 6.70 6.30 10.14
N ASN A 310 7.96 6.34 9.74
CA ASN A 310 8.44 7.44 8.90
C ASN A 310 8.56 7.04 7.45
N ASP A 311 8.49 8.01 6.56
CA ASP A 311 8.54 7.75 5.12
C ASP A 311 9.79 8.34 4.47
N PHE A 312 10.63 8.98 5.29
CA PHE A 312 11.88 9.53 4.83
C PHE A 312 11.69 10.29 3.53
N ALA A 313 10.75 11.23 3.55
CA ALA A 313 10.33 11.91 2.34
C ALA A 313 10.22 13.43 2.52
N GLU A 314 11.05 13.98 3.39
CA GLU A 314 11.23 15.42 3.47
C GLU A 314 11.94 15.91 2.22
N ALA A 315 11.70 17.17 1.87
CA ALA A 315 12.42 17.81 0.77
C ALA A 315 13.93 17.60 0.97
N GLY A 316 14.64 17.22 -0.09
CA GLY A 316 16.09 17.15 -0.03
C GLY A 316 16.68 15.91 0.62
N GLU A 317 15.83 15.10 1.25
CA GLU A 317 16.32 13.98 2.05
C GLU A 317 16.76 12.72 1.28
N SER A 318 17.98 12.27 1.59
CA SER A 318 18.53 10.99 1.14
C SER A 318 18.44 9.99 2.28
N SER A 319 18.18 8.72 1.97
CA SER A 319 18.13 7.71 3.02
C SER A 319 18.59 6.33 2.54
N TRP A 320 19.11 5.53 3.47
CA TRP A 320 19.58 4.17 3.20
C TRP A 320 18.84 3.22 4.10
N GLN A 321 18.63 2.00 3.62
CA GLN A 321 17.94 0.99 4.41
C GLN A 321 18.68 -0.34 4.31
N LEU A 322 18.80 -1.01 5.45
CA LEU A 322 19.22 -2.41 5.49
C LEU A 322 18.07 -3.20 6.08
N ARG A 323 17.82 -4.38 5.53
CA ARG A 323 16.69 -5.16 5.99
C ARG A 323 17.03 -6.65 5.97
N TYR A 324 16.59 -7.36 7.00
CA TYR A 324 16.77 -8.79 7.04
C TYR A 324 15.45 -9.49 7.33
N ASP A 325 15.10 -10.48 6.51
CA ASP A 325 13.93 -11.32 6.78
C ASP A 325 14.35 -12.76 7.01
N CYS A 326 13.61 -13.46 7.87
CA CYS A 326 13.83 -14.88 8.08
C CYS A 326 12.51 -15.64 8.24
N ASP A 327 12.35 -16.69 7.45
CA ASP A 327 11.22 -17.61 7.58
C ASP A 327 11.75 -18.84 8.30
N PHE A 328 11.15 -19.20 9.43
CA PHE A 328 11.65 -20.35 10.17
C PHE A 328 10.99 -21.64 9.68
N ALA A 329 10.25 -21.54 8.59
CA ALA A 329 9.56 -22.72 8.04
C ALA A 329 10.52 -23.79 7.51
N PRO A 330 11.31 -23.48 6.46
CA PRO A 330 12.17 -24.58 5.98
C PRO A 330 13.36 -24.81 6.91
N LEU A 331 13.23 -24.37 8.15
CA LEU A 331 14.26 -24.58 9.15
C LEU A 331 13.70 -25.37 10.32
N GLY A 332 12.38 -25.45 10.39
CA GLY A 332 11.72 -26.30 11.38
C GLY A 332 10.43 -25.76 11.97
N VAL A 333 10.25 -24.43 11.96
CA VAL A 333 9.13 -23.79 12.63
C VAL A 333 8.21 -23.03 11.68
N PRO A 334 7.38 -23.77 10.92
CA PRO A 334 6.50 -23.09 9.96
C PRO A 334 5.51 -22.18 10.67
N GLY A 335 5.15 -21.06 10.04
CA GLY A 335 4.27 -20.10 10.67
C GLY A 335 5.02 -19.00 11.39
N LEU A 336 6.29 -19.24 11.69
CA LEU A 336 7.09 -18.24 12.39
C LEU A 336 7.98 -17.50 11.40
N SER A 337 7.86 -16.18 11.40
CA SER A 337 8.69 -15.36 10.54
C SER A 337 9.16 -14.16 11.35
N LEU A 338 10.24 -13.54 10.89
CA LEU A 338 10.81 -12.40 11.57
C LEU A 338 11.35 -11.42 10.53
N MET A 339 11.23 -10.12 10.80
CA MET A 339 11.84 -9.11 9.95
C MET A 339 12.41 -7.99 10.80
N THR A 340 13.56 -7.45 10.37
CA THR A 340 14.13 -6.26 11.00
C THR A 340 14.69 -5.36 9.92
N ARG A 341 14.57 -4.06 10.11
CA ARG A 341 15.11 -3.13 9.14
C ARG A 341 15.55 -1.84 9.83
N TYR A 342 16.53 -1.20 9.22
CA TYR A 342 17.06 0.04 9.77
C TYR A 342 17.14 1.04 8.63
N PHE A 343 16.66 2.25 8.87
CA PHE A 343 16.72 3.33 7.89
C PHE A 343 17.49 4.48 8.49
N SER A 344 18.29 5.15 7.68
CA SER A 344 18.99 6.35 8.12
C SER A 344 18.87 7.46 7.06
N GLY A 345 18.42 8.63 7.49
CA GLY A 345 18.23 9.74 6.56
C GLY A 345 19.04 11.00 6.88
N HIS A 346 19.45 11.72 5.84
CA HIS A 346 20.18 12.97 6.02
C HIS A 346 19.83 13.95 4.90
N GLY A 347 20.23 15.20 5.05
CA GLY A 347 20.04 16.19 4.01
C GLY A 347 18.59 16.64 3.91
N ALA A 348 17.78 16.26 4.88
CA ALA A 348 16.38 16.70 4.91
C ALA A 348 16.29 18.20 5.11
N LYS A 349 15.37 18.84 4.39
CA LYS A 349 15.11 20.26 4.53
C LYS A 349 13.67 20.46 4.99
N PRO A 350 13.38 20.09 6.24
CA PRO A 350 12.02 20.19 6.78
C PRO A 350 11.60 21.66 6.93
N LYS A 351 10.30 21.93 6.79
CA LYS A 351 9.84 23.31 6.90
C LYS A 351 9.63 23.76 8.35
N GLY A 352 10.11 24.96 8.65
CA GLY A 352 9.87 25.57 9.94
C GLY A 352 10.62 24.96 11.10
N ALA A 353 11.41 23.93 10.84
CA ALA A 353 12.18 23.27 11.89
C ALA A 353 13.66 23.17 11.52
N ASP A 354 14.51 23.03 12.54
CA ASP A 354 15.94 22.90 12.30
C ASP A 354 16.36 21.43 12.42
N GLY A 355 17.37 21.04 11.67
CA GLY A 355 17.84 19.66 11.68
C GLY A 355 17.60 18.99 10.34
N SER A 356 18.36 17.94 10.05
CA SER A 356 18.31 17.33 8.75
C SER A 356 18.46 15.81 8.81
N ARG A 357 18.71 15.28 9.99
CA ARG A 357 18.98 13.85 10.12
C ARG A 357 17.92 13.15 10.97
N GLU A 358 17.69 11.87 10.65
CA GLU A 358 16.67 11.07 11.33
C GLU A 358 16.90 9.60 11.02
N TRP A 359 16.44 8.71 11.91
CA TRP A 359 16.55 7.29 11.67
C TRP A 359 15.39 6.51 12.28
N GLU A 360 15.24 5.25 11.87
CA GLU A 360 14.17 4.40 12.36
C GLU A 360 14.62 2.92 12.33
N ARG A 361 14.31 2.19 13.39
CA ARG A 361 14.50 0.73 13.40
C ARG A 361 13.16 0.06 13.63
N ASP A 362 12.77 -0.81 12.71
CA ASP A 362 11.53 -1.58 12.88
C ASP A 362 11.92 -3.02 13.09
N SER A 363 11.15 -3.70 13.92
CA SER A 363 11.26 -5.13 14.10
C SER A 363 9.86 -5.70 14.02
N ASP A 364 9.75 -6.90 13.45
CA ASP A 364 8.45 -7.47 13.15
C ASP A 364 8.56 -8.95 13.49
N LEU A 365 7.63 -9.44 14.31
CA LEU A 365 7.58 -10.86 14.63
C LEU A 365 6.18 -11.39 14.38
N ARG A 366 6.10 -12.52 13.70
CA ARG A 366 4.81 -13.07 13.31
C ARG A 366 4.76 -14.54 13.59
N TYR A 367 3.61 -15.01 14.05
CA TYR A 367 3.36 -16.44 14.13
C TYR A 367 1.92 -16.78 13.77
N VAL A 368 1.76 -17.85 13.00
CA VAL A 368 0.46 -18.38 12.62
C VAL A 368 0.33 -19.83 13.09
N LEU A 369 -0.66 -20.11 13.93
CA LEU A 369 -0.88 -21.47 14.40
C LEU A 369 -1.04 -22.43 13.21
N GLN A 370 -0.38 -23.58 13.27
CA GLN A 370 -0.35 -24.50 12.14
C GLN A 370 -1.31 -25.67 12.26
N GLY A 371 -1.96 -25.79 13.42
CA GLY A 371 -2.86 -26.91 13.66
C GLY A 371 -3.68 -26.73 14.92
N GLY A 372 -4.61 -27.65 15.16
CA GLY A 372 -5.53 -27.53 16.27
C GLY A 372 -6.78 -26.76 15.83
N ALA A 373 -7.62 -26.43 16.80
CA ALA A 373 -8.85 -25.69 16.52
C ALA A 373 -8.56 -24.31 15.91
N LEU A 374 -7.56 -23.63 16.45
CA LEU A 374 -7.23 -22.28 16.00
C LEU A 374 -6.20 -22.26 14.87
N LYS A 375 -6.26 -23.26 13.98
CA LYS A 375 -5.30 -23.41 12.89
C LYS A 375 -5.21 -22.22 11.90
N GLY A 376 -5.92 -21.13 12.19
CA GLY A 376 -5.78 -19.96 11.34
C GLY A 376 -5.23 -18.75 12.06
N LEU A 377 -5.17 -18.82 13.38
CA LEU A 377 -4.84 -17.66 14.20
C LEU A 377 -3.47 -17.05 13.89
N GLY A 378 -3.46 -15.72 13.70
CA GLY A 378 -2.24 -15.02 13.40
C GLY A 378 -1.92 -14.00 14.49
N LEU A 379 -0.69 -14.05 14.98
CA LEU A 379 -0.19 -13.02 15.88
C LEU A 379 0.91 -12.24 15.17
N VAL A 380 0.76 -10.92 15.17
CA VAL A 380 1.77 -10.07 14.57
C VAL A 380 2.15 -8.99 15.56
N TRP A 381 3.45 -8.78 15.73
CA TRP A 381 3.96 -7.74 16.61
C TRP A 381 4.89 -6.86 15.80
N ARG A 382 4.54 -5.58 15.67
CA ARG A 382 5.40 -4.62 14.97
C ARG A 382 5.86 -3.52 15.92
N ASN A 383 7.18 -3.46 16.13
CA ASN A 383 7.76 -2.51 17.04
C ASN A 383 8.65 -1.52 16.30
N ALA A 384 8.64 -0.26 16.72
CA ALA A 384 9.45 0.74 16.02
C ALA A 384 10.04 1.78 16.95
N THR A 385 11.25 2.22 16.60
CA THR A 385 11.92 3.32 17.26
C THR A 385 12.25 4.35 16.21
N TYR A 386 11.79 5.58 16.42
CA TYR A 386 12.01 6.67 15.47
C TYR A 386 12.62 7.89 16.16
N ARG A 387 13.74 8.33 15.64
CA ARG A 387 14.44 9.49 16.16
C ARG A 387 14.64 10.48 15.02
N SER A 388 14.34 11.75 15.28
CA SER A 388 14.53 12.79 14.28
C SER A 388 15.07 14.09 14.87
N ALA A 389 15.88 14.82 14.08
CA ALA A 389 16.37 16.13 14.49
C ALA A 389 15.30 17.21 14.31
N PHE A 390 14.34 16.97 13.41
CA PHE A 390 13.38 18.02 13.07
C PHE A 390 11.91 17.70 13.38
N SER A 391 11.62 16.45 13.72
CA SER A 391 10.27 16.13 14.16
C SER A 391 10.29 15.31 15.45
N ARG A 392 9.10 15.05 15.97
CA ARG A 392 8.96 14.44 17.28
C ARG A 392 9.38 12.97 17.28
N ASP A 393 10.30 12.65 18.19
CA ASP A 393 10.74 11.27 18.39
C ASP A 393 9.61 10.40 18.93
N ILE A 394 9.61 9.15 18.50
CA ILE A 394 8.53 8.21 18.85
C ILE A 394 9.04 6.77 19.08
N ASP A 395 8.38 6.07 20.00
CA ASP A 395 8.49 4.61 20.12
C ASP A 395 7.08 4.06 19.97
N GLU A 396 6.93 2.96 19.25
CA GLU A 396 5.60 2.46 18.94
C GLU A 396 5.50 0.94 18.83
N ASN A 397 4.41 0.40 19.36
CA ASN A 397 4.09 -1.01 19.19
C ASN A 397 2.72 -1.20 18.57
N ARG A 398 2.63 -2.12 17.61
CA ARG A 398 1.35 -2.52 17.06
C ARG A 398 1.24 -4.02 17.15
N LEU A 399 0.06 -4.47 17.55
CA LEU A 399 -0.23 -5.88 17.81
C LEU A 399 -1.47 -6.26 17.03
N TYR A 400 -1.40 -7.38 16.32
CA TYR A 400 -2.54 -7.81 15.53
C TYR A 400 -2.79 -9.27 15.82
N LEU A 401 -4.05 -9.56 16.13
CA LEU A 401 -4.54 -10.92 16.23
C LEU A 401 -5.52 -11.05 15.08
N THR A 402 -5.25 -11.97 14.16
CA THR A 402 -6.11 -12.12 12.98
C THR A 402 -6.63 -13.53 12.85
N TYR A 403 -7.86 -13.61 12.35
CA TYR A 403 -8.46 -14.88 11.98
C TYR A 403 -9.35 -14.68 10.76
N GLU A 404 -9.20 -15.58 9.78
CA GLU A 404 -9.98 -15.54 8.54
C GLU A 404 -10.90 -16.75 8.41
N LEU A 405 -12.21 -16.52 8.34
CA LEU A 405 -13.20 -17.59 8.32
C LEU A 405 -13.99 -17.59 7.02
N PRO A 406 -13.79 -18.62 6.18
CA PRO A 406 -14.54 -18.75 4.91
C PRO A 406 -15.99 -19.14 5.18
N LEU A 407 -16.93 -18.43 4.57
CA LEU A 407 -18.35 -18.69 4.82
C LEU A 407 -18.93 -19.60 3.74
N PHE A 408 -18.65 -19.27 2.49
CA PHE A 408 -19.01 -20.08 1.34
C PHE A 408 -18.18 -19.62 0.14
C1 C8E B . -24.88 -11.28 0.03
C2 C8E B . -25.58 -12.25 -0.92
C3 C8E B . -25.06 -13.67 -0.76
C4 C8E B . -25.25 -14.49 -2.02
C5 C8E B . -25.73 -15.91 -1.73
C6 C8E B . -25.26 -16.92 -2.79
C7 C8E B . -25.47 -18.35 -2.31
C8 C8E B . -25.25 -19.38 -3.42
O9 C8E B . -23.91 -19.81 -3.47
C10 C8E B . -23.74 -21.14 -3.04
C11 C8E B . -22.85 -21.89 -4.02
O12 C8E B . -21.51 -21.80 -3.60
C13 C8E B . -21.21 -22.84 -2.71
C1 C8E C . 19.80 -9.25 12.48
C2 C8E C . 20.73 -9.87 11.43
C3 C8E C . 20.64 -11.39 11.45
C4 C8E C . 21.46 -12.03 10.34
C5 C8E C . 21.48 -13.56 10.42
C6 C8E C . 22.06 -14.14 9.15
C7 C8E C . 22.37 -15.63 9.20
C8 C8E C . 22.99 -16.01 7.85
O9 C8E C . 23.73 -17.22 7.88
C10 C8E C . 23.08 -18.25 7.16
C11 C8E C . 23.67 -18.39 5.76
O12 C8E C . 22.72 -18.97 4.91
C1 C8E D . -25.36 -2.69 -15.92
C2 C8E D . -25.43 -2.99 -17.41
C3 C8E D . -25.31 -4.49 -17.66
C4 C8E D . -26.32 -4.96 -18.69
C5 C8E D . -26.05 -6.40 -19.12
C6 C8E D . -26.24 -6.57 -20.61
C7 C8E D . -25.58 -7.84 -21.13
C8 C8E D . -26.35 -9.10 -20.74
O9 C8E D . -26.55 -9.90 -21.89
C10 C8E D . -25.33 -10.19 -22.55
C14 C8E E . -27.46 -7.81 -13.22
O15 C8E E . -28.17 -7.81 -14.44
C16 C8E E . -28.33 -9.10 -14.99
C17 C8E E . -28.09 -9.12 -16.49
O18 C8E E . -28.13 -10.44 -16.98
C19 C8E E . -29.44 -10.94 -17.09
C20 C8E E . -29.44 -12.18 -17.97
O21 C8E E . -28.13 -12.38 -18.46
C7 C8E F . 13.28 -14.04 18.00
C8 C8E F . 13.60 -15.07 16.92
O9 C8E F . 13.95 -16.33 17.48
C10 C8E F . 13.09 -17.37 17.05
C11 C8E F . 13.93 -18.51 16.46
O12 C8E F . 13.89 -19.70 17.24
C13 C8E F . 13.82 -20.87 16.44
C14 C8E F . 13.43 -22.09 17.27
O15 C8E F . 14.47 -23.04 17.27
C16 C8E F . 14.19 -24.28 17.91
C17 C8E F . 12.78 -24.77 17.64
O18 C8E F . 12.81 -25.64 16.52
C19 C8E F . 13.17 -26.95 16.88
C20 C8E F . 12.16 -27.92 16.29
C1 C8E G . -2.69 18.85 -15.58
C2 C8E G . -3.19 18.64 -17.00
C3 C8E G . -2.05 18.10 -17.84
C4 C8E G . -2.52 16.85 -18.58
C5 C8E G . -1.54 15.72 -18.35
C6 C8E G . -2.20 14.38 -18.63
C7 C8E G . -1.14 13.33 -18.92
C8 C8E G . -1.70 11.94 -18.73
O9 C8E G . -1.22 11.05 -19.73
C10 C8E G . -0.92 9.77 -19.21
C11 C8E G . -1.19 8.70 -20.25
O12 C8E G . -0.82 7.43 -19.74
C13 C8E G . -1.12 6.38 -20.63
C14 C8E G . -1.27 5.07 -19.86
C2 C8E H . -25.46 3.30 8.28
C3 C8E H . -24.46 2.18 8.53
C4 C8E H . -24.56 1.12 7.44
C5 C8E H . -24.71 -0.28 8.03
C6 C8E H . -23.40 -1.03 7.96
C7 C8E H . -23.57 -2.50 8.33
C8 C8E H . -22.39 -3.35 7.85
O9 C8E H . -21.88 -4.12 8.91
C10 C8E H . -21.57 -5.45 8.53
C11 C8E H . -20.56 -6.04 9.50
O12 C8E H . -20.56 -7.43 9.30
C13 C8E H . -19.56 -8.14 9.99
C14 C8E H . -20.09 -9.55 10.19
C4 C8E I . 3.67 4.86 -22.02
C5 C8E I . 4.07 6.15 -21.31
C6 C8E I . 3.10 7.30 -21.55
C7 C8E I . 3.75 8.58 -21.04
C8 C8E I . 2.88 9.82 -21.20
O9 C8E I . 3.41 10.87 -20.41
C10 C8E I . 2.97 12.15 -20.83
C11 C8E I . 3.41 13.19 -19.80
O12 C8E I . 2.83 14.46 -20.05
C1 C8E J . 6.40 2.04 -18.88
C2 C8E J . 6.69 1.03 -19.97
C3 C8E J . 8.03 0.41 -19.61
C4 C8E J . 9.05 0.71 -20.70
C5 C8E J . 10.25 -0.22 -20.48
C6 C8E J . 10.55 -0.94 -21.81
C7 C8E J . 11.87 -1.73 -21.76
C8 C8E J . 12.08 -2.26 -23.19
O9 C8E J . 13.19 -3.19 -23.29
C10 C8E J . 13.04 -3.82 -24.57
C11 C8E J . 14.09 -4.90 -24.75
O12 C8E J . 13.35 -6.00 -25.30
#